data_6U9R
#
_entry.id   6U9R
#
_cell.length_a   54.692
_cell.length_b   54.692
_cell.length_c   105.530
_cell.angle_alpha   90.000
_cell.angle_beta   90.000
_cell.angle_gamma   120.000
#
_symmetry.space_group_name_H-M   'P 32'
#
loop_
_entity.id
_entity.type
_entity.pdbx_description
1 polymer 'Histone-lysine N-methyltransferase'
2 non-polymer 'ZINC ION'
3 non-polymer "5'-{[(3S)-3-amino-3-carboxypropyl]({1-[(3-chlorophenyl)methyl]azetidin-3-yl}methyl)amino}-5'-deoxyadenosine"
4 water water
#
_entity_poly.entity_id   1
_entity_poly.type   'polypeptide(L)'
_entity_poly.pdbx_seq_one_letter_code
;SDLPMPMRFRHLKKTSKEAVGVYRSPIHGRGLFCKRNIDAGEMVIEYAGIVIRSILTDKREKYYDSKGIGCYMFRIDDSE
VVDATMHGNAARFINHSCEPNCYSRVINIDGQKHIVIFAMRKIYRGEELTYDYKFPIEDASNKLPCNCGAKKCRKFLN
;
_entity_poly.pdbx_strand_id   A,B
#
loop_
_chem_comp.id
_chem_comp.type
_chem_comp.name
_chem_comp.formula
Q2P non-polymer 5'-{[(3S)-3-amino-3-carboxypropyl]({1-[(3-chlorophenyl)methyl]azetidin-3-yl}methyl)amino}-5'-deoxyadenosine 'C25 H33 Cl N8 O5'
ZN non-polymer 'ZINC ION' 'Zn 2'
#
# COMPACT_ATOMS: atom_id res chain seq x y z
N ASP A 2 -5.78 -22.92 2.77
CA ASP A 2 -5.80 -23.46 1.42
C ASP A 2 -4.87 -24.68 1.32
N LEU A 3 -3.54 -24.46 1.24
CA LEU A 3 -2.53 -25.52 1.21
C LEU A 3 -2.14 -25.77 2.67
N PRO A 4 -1.68 -27.00 3.06
CA PRO A 4 -1.27 -27.19 4.48
C PRO A 4 -0.11 -26.27 4.87
N MET A 5 -0.05 -25.87 6.15
CA MET A 5 0.97 -25.01 6.74
C MET A 5 2.44 -25.36 6.32
N PRO A 6 2.94 -26.64 6.39
CA PRO A 6 4.32 -26.91 5.95
C PRO A 6 4.49 -26.73 4.44
N MET A 7 3.45 -27.11 3.66
CA MET A 7 3.43 -26.94 2.21
C MET A 7 3.45 -25.46 1.81
N ARG A 8 2.99 -24.56 2.71
CA ARG A 8 3.00 -23.11 2.49
C ARG A 8 4.32 -22.44 2.91
N PHE A 9 5.03 -23.01 3.93
CA PHE A 9 6.30 -22.45 4.41
C PHE A 9 7.45 -22.64 3.42
N ARG A 10 7.54 -23.84 2.82
CA ARG A 10 8.58 -24.24 1.86
C ARG A 10 8.94 -23.17 0.83
N HIS A 11 7.94 -22.36 0.38
CA HIS A 11 8.15 -21.27 -0.58
C HIS A 11 8.14 -19.87 0.07
N LEU A 12 9.34 -19.26 0.35
CA LEU A 12 9.38 -17.93 0.96
C LEU A 12 10.56 -17.02 0.55
N LYS A 13 11.84 -17.42 0.78
CA LYS A 13 13.05 -16.61 0.52
C LYS A 13 13.03 -15.82 -0.82
N LYS A 14 12.87 -16.54 -1.96
CA LYS A 14 12.83 -15.96 -3.30
C LYS A 14 11.60 -15.09 -3.56
N THR A 15 10.42 -15.54 -3.06
CA THR A 15 9.13 -14.86 -3.25
C THR A 15 8.99 -13.59 -2.40
N SER A 16 9.51 -13.61 -1.14
CA SER A 16 9.44 -12.43 -0.25
C SER A 16 10.27 -11.27 -0.80
N LYS A 17 11.40 -11.59 -1.45
CA LYS A 17 12.33 -10.63 -2.08
C LYS A 17 11.59 -9.86 -3.20
N GLU A 18 10.67 -10.56 -3.90
CA GLU A 18 9.84 -9.98 -4.96
C GLU A 18 8.58 -9.29 -4.44
N ALA A 19 8.06 -9.67 -3.26
CA ALA A 19 6.79 -9.18 -2.72
C ALA A 19 6.88 -7.96 -1.80
N VAL A 20 7.98 -7.80 -1.06
CA VAL A 20 8.11 -6.72 -0.06
C VAL A 20 9.45 -6.01 -0.10
N GLY A 21 9.45 -4.76 0.35
CA GLY A 21 10.65 -3.95 0.43
C GLY A 21 10.62 -3.08 1.68
N VAL A 22 11.80 -2.62 2.10
CA VAL A 22 12.00 -1.75 3.27
C VAL A 22 12.20 -0.33 2.81
N TYR A 23 11.38 0.62 3.33
CA TYR A 23 11.49 2.06 2.98
C TYR A 23 11.16 2.86 4.21
N ARG A 24 11.27 4.20 4.14
CA ARG A 24 10.92 5.06 5.26
C ARG A 24 9.42 4.96 5.55
N SER A 25 9.06 4.88 6.83
CA SER A 25 7.66 4.78 7.23
C SER A 25 7.19 6.02 7.96
N PRO A 26 5.94 6.52 7.69
CA PRO A 26 5.43 7.67 8.44
C PRO A 26 5.00 7.26 9.85
N ILE A 27 4.90 5.93 10.10
CA ILE A 27 4.52 5.41 11.41
C ILE A 27 5.74 5.58 12.32
N HIS A 28 6.90 5.01 11.92
CA HIS A 28 8.18 5.10 12.65
C HIS A 28 9.32 4.57 11.79
N GLY A 29 10.45 5.29 11.84
CA GLY A 29 11.72 4.94 11.20
C GLY A 29 11.58 4.31 9.84
N ARG A 30 11.93 3.03 9.72
CA ARG A 30 11.74 2.31 8.46
C ARG A 30 10.67 1.28 8.65
N GLY A 31 9.94 0.97 7.59
CA GLY A 31 8.90 -0.05 7.65
C GLY A 31 8.99 -1.00 6.47
N LEU A 32 8.16 -2.07 6.51
CA LEU A 32 8.03 -3.07 5.45
C LEU A 32 6.80 -2.70 4.61
N PHE A 33 6.96 -2.65 3.28
CA PHE A 33 5.90 -2.24 2.34
C PHE A 33 5.77 -3.27 1.21
N CYS A 34 4.57 -3.43 0.63
CA CYS A 34 4.53 -4.44 -0.42
C CYS A 34 4.78 -3.84 -1.80
N LYS A 35 5.48 -4.60 -2.66
CA LYS A 35 5.87 -4.19 -4.02
C LYS A 35 4.83 -4.63 -5.05
N ARG A 36 3.98 -5.59 -4.66
CA ARG A 36 2.90 -6.12 -5.49
C ARG A 36 1.78 -6.56 -4.57
N ASN A 37 0.55 -6.63 -5.09
CA ASN A 37 -0.63 -7.04 -4.32
C ASN A 37 -0.45 -8.40 -3.70
N ILE A 38 -0.84 -8.50 -2.43
CA ILE A 38 -0.76 -9.73 -1.62
C ILE A 38 -2.18 -10.18 -1.30
N ASP A 39 -2.54 -11.42 -1.68
CA ASP A 39 -3.88 -11.97 -1.42
C ASP A 39 -4.13 -12.20 0.06
N ALA A 40 -5.42 -12.19 0.49
CA ALA A 40 -5.74 -12.46 1.88
C ALA A 40 -5.34 -13.91 2.19
N GLY A 41 -4.77 -14.13 3.37
CA GLY A 41 -4.32 -15.47 3.78
C GLY A 41 -2.94 -15.87 3.30
N GLU A 42 -2.34 -15.08 2.38
CA GLU A 42 -1.02 -15.32 1.80
C GLU A 42 0.08 -15.23 2.88
N MET A 43 1.01 -16.18 2.84
CA MET A 43 2.20 -16.24 3.71
C MET A 43 3.17 -15.26 3.09
N VAL A 44 3.45 -14.18 3.82
CA VAL A 44 4.27 -13.08 3.32
C VAL A 44 5.77 -13.29 3.45
N ILE A 45 6.22 -13.55 4.69
CA ILE A 45 7.63 -13.58 5.03
C ILE A 45 7.79 -14.15 6.40
N GLU A 46 8.97 -14.73 6.64
CA GLU A 46 9.31 -15.22 7.95
C GLU A 46 9.94 -14.09 8.70
N TYR A 47 9.69 -14.04 10.00
CA TYR A 47 10.39 -13.10 10.87
C TYR A 47 11.67 -13.91 11.21
N ALA A 48 12.74 -13.77 10.40
CA ALA A 48 13.93 -14.60 10.57
C ALA A 48 14.77 -14.17 11.75
N GLY A 49 15.37 -15.16 12.41
CA GLY A 49 16.28 -14.91 13.52
C GLY A 49 16.53 -16.14 14.38
N ILE A 50 17.14 -15.92 15.55
CA ILE A 50 17.48 -17.01 16.48
C ILE A 50 16.50 -17.08 17.64
N VAL A 51 15.92 -18.26 17.86
CA VAL A 51 15.03 -18.52 19.00
C VAL A 51 15.92 -18.66 20.23
N ILE A 52 15.74 -17.78 21.21
CA ILE A 52 16.52 -17.73 22.46
C ILE A 52 15.58 -17.72 23.65
N ARG A 53 16.10 -18.06 24.84
CA ARG A 53 15.37 -18.05 26.11
C ARG A 53 15.08 -16.59 26.49
N SER A 54 13.83 -16.31 26.93
CA SER A 54 13.35 -14.97 27.31
C SER A 54 14.22 -14.29 28.36
N ILE A 55 14.73 -15.05 29.36
CA ILE A 55 15.62 -14.54 30.42
C ILE A 55 16.94 -13.96 29.89
N LEU A 56 17.34 -14.37 28.69
CA LEU A 56 18.58 -13.93 28.04
C LEU A 56 18.41 -12.59 27.32
N THR A 57 17.16 -12.13 27.09
CA THR A 57 16.91 -10.92 26.29
C THR A 57 17.41 -9.65 26.93
N ASP A 58 17.32 -9.51 28.26
CA ASP A 58 17.78 -8.30 28.97
C ASP A 58 19.26 -8.03 28.71
N LYS A 59 20.11 -9.06 28.90
CA LYS A 59 21.56 -8.98 28.67
C LYS A 59 21.93 -8.80 27.20
N ARG A 60 21.22 -9.50 26.27
CA ARG A 60 21.48 -9.35 24.83
C ARG A 60 21.16 -7.92 24.36
N GLU A 61 19.99 -7.37 24.79
CA GLU A 61 19.59 -5.99 24.46
C GLU A 61 20.61 -5.01 25.02
N LYS A 62 21.10 -5.27 26.25
CA LYS A 62 22.12 -4.48 26.94
C LYS A 62 23.43 -4.45 26.13
N TYR A 63 23.87 -5.63 25.66
CA TYR A 63 25.08 -5.77 24.82
C TYR A 63 24.91 -4.96 23.54
N TYR A 64 23.80 -5.15 22.78
CA TYR A 64 23.52 -4.41 21.53
C TYR A 64 23.48 -2.92 21.73
N ASP A 65 22.75 -2.44 22.79
CA ASP A 65 22.67 -1.02 23.12
C ASP A 65 24.04 -0.43 23.42
N SER A 66 24.93 -1.19 24.09
CA SER A 66 26.27 -0.69 24.43
C SER A 66 27.18 -0.58 23.18
N LYS A 67 26.81 -1.28 22.08
CA LYS A 67 27.52 -1.30 20.79
C LYS A 67 26.93 -0.35 19.74
N GLY A 68 25.82 0.32 20.07
CA GLY A 68 25.12 1.21 19.15
C GLY A 68 24.49 0.48 17.99
N ILE A 69 24.14 -0.81 18.21
CA ILE A 69 23.49 -1.69 17.21
C ILE A 69 22.03 -1.78 17.63
N GLY A 70 21.12 -1.47 16.70
CA GLY A 70 19.68 -1.59 16.91
C GLY A 70 19.35 -3.02 17.29
N CYS A 71 18.52 -3.20 18.31
CA CYS A 71 18.11 -4.50 18.84
C CYS A 71 16.77 -4.85 18.23
N TYR A 72 16.66 -5.95 17.49
CA TYR A 72 15.42 -6.37 16.80
C TYR A 72 15.02 -7.72 17.38
N MET A 73 13.97 -7.75 18.19
CA MET A 73 13.48 -8.96 18.84
C MET A 73 11.99 -9.06 18.72
N PHE A 74 11.49 -10.30 18.54
CA PHE A 74 10.07 -10.63 18.45
C PHE A 74 9.75 -11.60 19.57
N ARG A 75 8.80 -11.20 20.40
CA ARG A 75 8.30 -11.94 21.55
C ARG A 75 7.40 -13.11 21.13
N ILE A 76 7.87 -14.37 21.30
CA ILE A 76 7.09 -15.58 21.00
C ILE A 76 6.09 -15.77 22.16
N ASP A 77 6.61 -16.02 23.38
CA ASP A 77 5.89 -16.21 24.64
C ASP A 77 6.77 -15.75 25.80
N ASP A 78 6.35 -15.99 27.05
CA ASP A 78 7.08 -15.59 28.25
C ASP A 78 8.42 -16.30 28.41
N SER A 79 8.65 -17.38 27.66
CA SER A 79 9.84 -18.23 27.73
C SER A 79 10.80 -18.11 26.53
N GLU A 80 10.32 -17.74 25.33
CA GLU A 80 11.17 -17.60 24.13
C GLU A 80 10.94 -16.33 23.34
N VAL A 81 12.00 -15.89 22.65
CA VAL A 81 12.03 -14.67 21.81
C VAL A 81 12.89 -14.97 20.56
N VAL A 82 12.56 -14.38 19.41
CA VAL A 82 13.35 -14.47 18.19
C VAL A 82 14.22 -13.23 18.11
N ASP A 83 15.54 -13.43 18.10
CA ASP A 83 16.51 -12.34 17.99
C ASP A 83 16.89 -12.22 16.50
N ALA A 84 16.41 -11.15 15.87
CA ALA A 84 16.62 -10.84 14.45
C ALA A 84 17.74 -9.80 14.28
N THR A 85 18.46 -9.47 15.33
CA THR A 85 19.49 -8.42 15.28
C THR A 85 20.63 -8.79 14.30
N MET A 86 21.14 -10.01 14.40
CA MET A 86 22.28 -10.37 13.54
C MET A 86 21.90 -11.30 12.43
N HIS A 87 20.92 -12.14 12.66
CA HIS A 87 20.54 -13.11 11.64
C HIS A 87 19.09 -12.93 11.20
N GLY A 88 18.67 -11.68 11.05
CA GLY A 88 17.31 -11.33 10.65
C GLY A 88 17.16 -11.04 9.18
N ASN A 89 15.95 -10.60 8.76
CA ASN A 89 15.68 -10.28 7.37
C ASN A 89 14.81 -9.04 7.34
N ALA A 90 14.15 -8.71 6.22
CA ALA A 90 13.29 -7.51 6.11
C ALA A 90 12.10 -7.45 7.09
N ALA A 91 11.63 -8.61 7.58
CA ALA A 91 10.48 -8.69 8.52
C ALA A 91 10.76 -7.99 9.85
N ARG A 92 12.05 -7.78 10.20
CA ARG A 92 12.36 -7.12 11.46
C ARG A 92 11.93 -5.63 11.47
N PHE A 93 11.63 -5.05 10.28
CA PHE A 93 11.17 -3.66 10.17
C PHE A 93 9.65 -3.48 10.21
N ILE A 94 8.86 -4.57 10.36
CA ILE A 94 7.39 -4.46 10.38
C ILE A 94 6.92 -3.66 11.59
N ASN A 95 6.27 -2.53 11.36
CA ASN A 95 5.74 -1.69 12.44
C ASN A 95 4.42 -2.19 13.00
N HIS A 96 4.03 -1.68 14.17
CA HIS A 96 2.77 -1.98 14.86
C HIS A 96 1.61 -1.13 14.28
N SER A 97 0.37 -1.67 14.34
CA SER A 97 -0.86 -0.97 13.97
C SER A 97 -2.05 -1.56 14.69
N CYS A 98 -3.02 -0.71 15.03
CA CYS A 98 -4.26 -1.06 15.74
C CYS A 98 -5.36 -1.52 14.79
N GLU A 99 -5.10 -1.35 13.48
CA GLU A 99 -5.94 -1.83 12.40
C GLU A 99 -4.91 -2.47 11.43
N PRO A 100 -4.31 -3.62 11.85
CA PRO A 100 -3.26 -4.23 11.02
C PRO A 100 -3.78 -4.88 9.76
N ASN A 101 -2.90 -5.18 8.81
CA ASN A 101 -3.35 -5.85 7.61
C ASN A 101 -2.69 -7.21 7.62
N CYS A 102 -1.84 -7.43 8.63
CA CYS A 102 -1.06 -8.64 8.84
C CYS A 102 -1.22 -9.14 10.27
N TYR A 103 -0.85 -10.39 10.51
CA TYR A 103 -0.78 -10.97 11.86
C TYR A 103 0.33 -11.98 11.92
N SER A 104 0.91 -12.13 13.13
CA SER A 104 2.03 -13.04 13.38
C SER A 104 1.55 -14.36 13.92
N ARG A 105 2.24 -15.44 13.50
CA ARG A 105 1.95 -16.82 13.94
C ARG A 105 3.24 -17.63 14.18
N VAL A 106 3.26 -18.44 15.24
CA VAL A 106 4.39 -19.34 15.48
C VAL A 106 4.01 -20.68 14.85
N ILE A 107 4.70 -21.06 13.76
CA ILE A 107 4.47 -22.35 13.08
C ILE A 107 5.64 -23.32 13.39
N ASN A 108 5.39 -24.62 13.22
CA ASN A 108 6.40 -25.64 13.48
C ASN A 108 6.56 -26.56 12.27
N ILE A 109 7.62 -26.33 11.46
CA ILE A 109 7.86 -27.10 10.24
C ILE A 109 9.06 -27.99 10.40
N ASP A 110 8.83 -29.32 10.27
CA ASP A 110 9.82 -30.38 10.39
C ASP A 110 10.60 -30.30 11.72
N GLY A 111 9.86 -30.05 12.81
CA GLY A 111 10.37 -29.92 14.17
C GLY A 111 10.91 -28.55 14.56
N GLN A 112 11.08 -27.65 13.60
CA GLN A 112 11.64 -26.31 13.86
C GLN A 112 10.57 -25.23 13.93
N LYS A 113 10.69 -24.32 14.91
CA LYS A 113 9.77 -23.19 15.11
C LYS A 113 10.14 -22.03 14.19
N HIS A 114 9.15 -21.44 13.50
CA HIS A 114 9.34 -20.27 12.64
C HIS A 114 8.20 -19.29 12.89
N ILE A 115 8.51 -18.00 12.99
CA ILE A 115 7.50 -16.95 13.14
C ILE A 115 7.20 -16.51 11.72
N VAL A 116 5.95 -16.64 11.30
CA VAL A 116 5.58 -16.24 9.95
C VAL A 116 4.53 -15.14 10.01
N ILE A 117 4.55 -14.26 9.02
CA ILE A 117 3.62 -13.13 8.90
C ILE A 117 2.58 -13.48 7.83
N PHE A 118 1.30 -13.36 8.19
CA PHE A 118 0.21 -13.61 7.24
C PHE A 118 -0.57 -12.35 6.98
N ALA A 119 -1.09 -12.24 5.76
CA ALA A 119 -1.97 -11.13 5.38
C ALA A 119 -3.38 -11.51 5.86
N MET A 120 -4.07 -10.64 6.62
CA MET A 120 -5.44 -10.94 7.05
C MET A 120 -6.48 -10.44 6.03
N ARG A 121 -6.08 -9.54 5.12
CA ARG A 121 -6.89 -9.01 4.03
C ARG A 121 -6.00 -8.87 2.79
N LYS A 122 -6.61 -8.57 1.63
CA LYS A 122 -5.80 -8.33 0.44
C LYS A 122 -5.03 -7.02 0.73
N ILE A 123 -3.70 -7.01 0.52
CA ILE A 123 -2.84 -5.83 0.75
C ILE A 123 -2.45 -5.36 -0.61
N TYR A 124 -2.59 -4.05 -0.87
CA TYR A 124 -2.33 -3.48 -2.17
C TYR A 124 -0.99 -2.83 -2.29
N ARG A 125 -0.47 -2.84 -3.53
CA ARG A 125 0.83 -2.31 -3.90
C ARG A 125 1.01 -0.92 -3.29
N GLY A 126 2.09 -0.77 -2.53
CA GLY A 126 2.43 0.50 -1.90
C GLY A 126 2.10 0.55 -0.42
N GLU A 127 1.21 -0.31 0.04
CA GLU A 127 0.82 -0.29 1.45
C GLU A 127 1.90 -0.78 2.36
N GLU A 128 1.97 -0.20 3.55
CA GLU A 128 2.87 -0.65 4.60
C GLU A 128 2.25 -1.87 5.28
N LEU A 129 3.06 -2.89 5.53
CA LEU A 129 2.64 -4.13 6.24
C LEU A 129 2.79 -3.90 7.74
N THR A 130 1.73 -4.21 8.51
CA THR A 130 1.74 -4.01 9.97
C THR A 130 1.05 -5.15 10.71
N TYR A 131 1.43 -5.41 11.97
CA TYR A 131 0.69 -6.40 12.78
C TYR A 131 0.48 -5.80 14.15
N ASP A 132 -0.48 -6.33 14.91
CA ASP A 132 -0.73 -5.88 16.27
C ASP A 132 0.37 -6.51 17.12
N TYR A 133 1.22 -5.66 17.72
CA TYR A 133 2.29 -6.15 18.61
C TYR A 133 1.66 -6.76 19.85
N LYS A 134 2.29 -7.82 20.39
CA LYS A 134 1.81 -8.54 21.58
C LYS A 134 1.49 -7.62 22.76
N PHE A 135 2.36 -6.61 23.01
CA PHE A 135 2.24 -5.64 24.10
C PHE A 135 1.45 -4.41 23.65
N LYS A 143 2.29 2.97 28.03
CA LYS A 143 3.57 3.61 28.34
C LYS A 143 4.38 4.03 27.09
N LEU A 144 4.03 3.50 25.90
CA LEU A 144 4.67 3.81 24.61
C LEU A 144 3.60 4.29 23.61
N PRO A 145 3.66 5.56 23.12
CA PRO A 145 2.61 6.03 22.19
C PRO A 145 2.61 5.39 20.82
N CYS A 146 1.41 5.24 20.21
CA CYS A 146 1.23 4.62 18.90
C CYS A 146 0.89 5.63 17.79
N ASN A 147 1.57 5.49 16.64
CA ASN A 147 1.44 6.36 15.48
C ASN A 147 0.84 5.67 14.23
N CYS A 148 0.11 4.54 14.41
CA CYS A 148 -0.46 3.83 13.27
C CYS A 148 -1.41 4.71 12.43
N GLY A 149 -2.11 5.62 13.13
CA GLY A 149 -3.03 6.61 12.58
C GLY A 149 -4.43 6.12 12.29
N ALA A 150 -4.76 4.86 12.63
CA ALA A 150 -6.09 4.28 12.38
C ALA A 150 -7.19 5.00 13.17
N LYS A 151 -8.45 4.99 12.67
CA LYS A 151 -9.58 5.64 13.37
C LYS A 151 -9.71 5.05 14.81
N LYS A 152 -9.76 3.72 14.89
CA LYS A 152 -9.91 2.94 16.12
C LYS A 152 -8.54 2.63 16.79
N CYS A 153 -7.66 3.64 16.86
CA CYS A 153 -6.34 3.51 17.45
C CYS A 153 -6.40 3.32 18.97
N ARG A 154 -5.64 2.33 19.51
CA ARG A 154 -5.56 2.05 20.97
C ARG A 154 -4.71 3.12 21.66
N LYS A 155 -4.01 3.96 20.84
CA LYS A 155 -3.17 5.12 21.16
C LYS A 155 -1.86 4.80 21.91
N PHE A 156 -1.66 3.51 22.30
CA PHE A 156 -0.44 3.00 22.94
C PHE A 156 -0.08 1.61 22.44
N LEU A 157 1.23 1.32 22.33
CA LEU A 157 1.73 0.02 21.87
C LEU A 157 1.70 -1.01 23.00
N LEU B 3 3.49 11.86 7.26
CA LEU B 3 2.28 11.64 8.06
C LEU B 3 1.59 10.32 7.70
N PRO B 4 1.01 9.56 8.67
CA PRO B 4 0.41 8.26 8.32
C PRO B 4 -0.73 8.34 7.30
N MET B 5 -0.82 7.31 6.43
CA MET B 5 -1.81 7.13 5.36
C MET B 5 -3.29 7.43 5.80
N PRO B 6 -3.83 6.89 6.94
CA PRO B 6 -5.22 7.22 7.31
C PRO B 6 -5.40 8.71 7.62
N MET B 7 -4.40 9.31 8.30
CA MET B 7 -4.39 10.74 8.62
C MET B 7 -4.36 11.62 7.35
N ARG B 8 -3.71 11.15 6.26
CA ARG B 8 -3.62 11.86 4.97
C ARG B 8 -4.96 11.95 4.18
N PHE B 9 -5.97 11.15 4.55
CA PHE B 9 -7.28 11.13 3.89
C PHE B 9 -8.21 12.26 4.42
N ARG B 10 -7.65 13.17 5.23
CA ARG B 10 -8.33 14.30 5.88
C ARG B 10 -8.78 15.40 4.90
N HIS B 11 -10.09 15.80 5.02
CA HIS B 11 -10.81 16.85 4.29
C HIS B 11 -10.40 17.00 2.80
N LEU B 12 -10.16 15.86 2.13
CA LEU B 12 -9.76 15.74 0.73
C LEU B 12 -10.74 16.39 -0.24
N LYS B 13 -12.07 16.23 -0.03
CA LYS B 13 -13.11 16.81 -0.90
C LYS B 13 -13.04 18.34 -0.96
N LYS B 14 -12.70 18.98 0.19
CA LYS B 14 -12.57 20.44 0.33
C LYS B 14 -11.27 20.96 -0.29
N THR B 15 -10.14 20.27 -0.03
CA THR B 15 -8.81 20.68 -0.52
C THR B 15 -8.62 20.42 -2.02
N SER B 16 -9.15 19.31 -2.57
CA SER B 16 -9.01 19.00 -4.01
C SER B 16 -9.79 19.99 -4.89
N LYS B 17 -10.91 20.56 -4.37
CA LYS B 17 -11.72 21.56 -5.07
C LYS B 17 -10.90 22.84 -5.35
N GLU B 18 -9.95 23.14 -4.44
CA GLU B 18 -9.04 24.29 -4.53
C GLU B 18 -7.73 23.96 -5.27
N ALA B 19 -7.32 22.68 -5.31
CA ALA B 19 -6.04 22.26 -5.90
C ALA B 19 -6.10 21.86 -7.38
N VAL B 20 -7.23 21.35 -7.86
CA VAL B 20 -7.31 20.86 -9.25
C VAL B 20 -8.60 21.28 -9.95
N GLY B 21 -8.54 21.31 -11.28
CA GLY B 21 -9.67 21.64 -12.12
C GLY B 21 -9.61 20.84 -13.39
N VAL B 22 -10.76 20.68 -14.04
CA VAL B 22 -10.94 19.96 -15.30
C VAL B 22 -11.03 20.96 -16.46
N TYR B 23 -10.17 20.81 -17.48
CA TYR B 23 -10.17 21.68 -18.68
C TYR B 23 -9.84 20.81 -19.89
N ARG B 24 -9.87 21.40 -21.11
CA ARG B 24 -9.52 20.70 -22.33
C ARG B 24 -8.04 20.29 -22.27
N SER B 25 -7.73 19.06 -22.67
CA SER B 25 -6.36 18.58 -22.65
C SER B 25 -5.82 18.35 -24.06
N PRO B 26 -4.53 18.69 -24.32
CA PRO B 26 -3.95 18.39 -25.64
C PRO B 26 -3.64 16.89 -25.77
N ILE B 27 -3.65 16.15 -24.64
CA ILE B 27 -3.42 14.71 -24.67
C ILE B 27 -4.67 14.05 -25.26
N HIS B 28 -5.85 14.25 -24.62
CA HIS B 28 -7.15 13.70 -25.05
C HIS B 28 -8.29 14.39 -24.31
N GLY B 29 -9.33 14.76 -25.06
CA GLY B 29 -10.57 15.36 -24.57
C GLY B 29 -10.40 16.33 -23.43
N ARG B 30 -10.91 15.96 -22.23
CA ARG B 30 -10.72 16.79 -21.04
C ARG B 30 -9.70 16.09 -20.14
N GLY B 31 -8.99 16.89 -19.35
CA GLY B 31 -8.02 16.37 -18.40
C GLY B 31 -8.12 17.08 -17.07
N LEU B 32 -7.35 16.59 -16.08
CA LEU B 32 -7.24 17.17 -14.74
C LEU B 32 -5.95 18.00 -14.72
N PHE B 33 -6.04 19.24 -14.24
CA PHE B 33 -4.93 20.22 -14.20
C PHE B 33 -4.80 20.83 -12.83
N CYS B 34 -3.59 21.21 -12.38
CA CYS B 34 -3.56 21.79 -11.03
C CYS B 34 -3.68 23.31 -11.07
N LYS B 35 -4.42 23.85 -10.07
CA LYS B 35 -4.73 25.27 -9.92
C LYS B 35 -3.66 25.97 -9.06
N ARG B 36 -2.88 25.18 -8.31
CA ARG B 36 -1.81 25.69 -7.44
C ARG B 36 -0.76 24.61 -7.35
N ASN B 37 0.47 24.97 -6.97
CA ASN B 37 1.56 24.02 -6.83
C ASN B 37 1.23 22.95 -5.85
N ILE B 38 1.55 21.70 -6.23
CA ILE B 38 1.33 20.50 -5.42
C ILE B 38 2.71 19.94 -5.03
N ASP B 39 2.94 19.73 -3.72
CA ASP B 39 4.22 19.18 -3.25
C ASP B 39 4.40 17.72 -3.62
N ALA B 40 5.66 17.26 -3.78
CA ALA B 40 5.93 15.88 -4.09
C ALA B 40 5.43 15.04 -2.89
N GLY B 41 4.85 13.88 -3.17
CA GLY B 41 4.30 13.01 -2.13
C GLY B 41 2.91 13.37 -1.65
N GLU B 42 2.41 14.59 -2.00
CA GLU B 42 1.08 15.08 -1.61
C GLU B 42 -0.01 14.18 -2.19
N MET B 43 -1.07 13.93 -1.40
CA MET B 43 -2.25 13.16 -1.80
C MET B 43 -3.14 14.20 -2.45
N VAL B 44 -3.37 14.03 -3.75
CA VAL B 44 -4.08 15.01 -4.54
C VAL B 44 -5.59 14.89 -4.44
N ILE B 45 -6.13 13.70 -4.75
CA ILE B 45 -7.57 13.49 -4.90
C ILE B 45 -7.85 12.01 -4.93
N GLU B 46 -9.06 11.65 -4.50
CA GLU B 46 -9.52 10.30 -4.57
C GLU B 46 -10.11 10.09 -5.96
N TYR B 47 -9.89 8.88 -6.52
CA TYR B 47 -10.55 8.49 -7.74
C TYR B 47 -11.89 7.95 -7.21
N ALA B 48 -12.89 8.82 -7.04
CA ALA B 48 -14.15 8.41 -6.42
C ALA B 48 -15.04 7.55 -7.31
N GLY B 49 -15.79 6.65 -6.69
CA GLY B 49 -16.71 5.80 -7.42
C GLY B 49 -17.08 4.56 -6.63
N ILE B 50 -17.72 3.59 -7.29
CA ILE B 50 -18.19 2.35 -6.65
C ILE B 50 -17.28 1.19 -6.98
N VAL B 51 -16.80 0.50 -5.96
CA VAL B 51 -15.99 -0.71 -6.11
C VAL B 51 -16.96 -1.78 -6.55
N ILE B 52 -16.76 -2.34 -7.74
CA ILE B 52 -17.60 -3.39 -8.32
C ILE B 52 -16.75 -4.58 -8.75
N ARG B 53 -17.42 -5.73 -8.94
CA ARG B 53 -16.83 -6.98 -9.42
C ARG B 53 -16.41 -6.84 -10.89
N SER B 54 -15.15 -7.23 -11.20
CA SER B 54 -14.54 -7.14 -12.53
C SER B 54 -15.34 -7.82 -13.63
N ILE B 55 -15.98 -8.95 -13.30
CA ILE B 55 -16.84 -9.70 -14.23
C ILE B 55 -18.10 -8.93 -14.63
N LEU B 56 -18.47 -7.92 -13.87
CA LEU B 56 -19.66 -7.12 -14.14
C LEU B 56 -19.36 -5.91 -15.03
N THR B 57 -18.06 -5.61 -15.31
CA THR B 57 -17.69 -4.41 -16.04
C THR B 57 -18.11 -4.45 -17.50
N ASP B 58 -17.99 -5.60 -18.18
CA ASP B 58 -18.39 -5.77 -19.59
C ASP B 58 -19.86 -5.31 -19.79
N LYS B 59 -20.78 -5.85 -18.96
CA LYS B 59 -22.21 -5.51 -18.98
C LYS B 59 -22.52 -4.07 -18.59
N ARG B 60 -21.81 -3.50 -17.57
CA ARG B 60 -22.04 -2.10 -17.17
C ARG B 60 -21.62 -1.14 -18.29
N GLU B 61 -20.43 -1.35 -18.87
CA GLU B 61 -19.91 -0.54 -19.98
C GLU B 61 -20.86 -0.65 -21.18
N LYS B 62 -21.37 -1.88 -21.46
CA LYS B 62 -22.34 -2.13 -22.52
C LYS B 62 -23.61 -1.31 -22.26
N TYR B 63 -24.09 -1.29 -21.00
CA TYR B 63 -25.28 -0.52 -20.63
C TYR B 63 -25.04 0.97 -20.86
N TYR B 64 -23.93 1.54 -20.33
CA TYR B 64 -23.59 2.96 -20.49
C TYR B 64 -23.49 3.37 -21.94
N ASP B 65 -22.74 2.57 -22.75
CA ASP B 65 -22.55 2.80 -24.17
C ASP B 65 -23.87 2.87 -24.90
N SER B 66 -24.83 2.00 -24.54
CA SER B 66 -26.15 1.96 -25.19
C SER B 66 -27.01 3.19 -24.86
N LYS B 67 -26.65 3.93 -23.78
CA LYS B 67 -27.36 5.13 -23.32
C LYS B 67 -26.65 6.46 -23.69
N GLY B 68 -25.47 6.37 -24.34
CA GLY B 68 -24.68 7.52 -24.75
C GLY B 68 -24.00 8.25 -23.60
N ILE B 69 -23.74 7.53 -22.50
CA ILE B 69 -23.08 8.06 -21.30
C ILE B 69 -21.64 7.55 -21.32
N GLY B 70 -20.66 8.46 -21.23
CA GLY B 70 -19.25 8.11 -21.13
C GLY B 70 -19.06 7.19 -19.93
N CYS B 71 -18.36 6.07 -20.14
CA CYS B 71 -18.12 5.06 -19.11
C CYS B 71 -16.77 5.41 -18.50
N TYR B 72 -16.68 5.59 -17.18
CA TYR B 72 -15.42 5.97 -16.49
C TYR B 72 -15.12 4.91 -15.45
N MET B 73 -14.09 4.09 -15.69
CA MET B 73 -13.69 3.01 -14.80
C MET B 73 -12.19 2.95 -14.55
N PHE B 74 -11.80 2.62 -13.32
CA PHE B 74 -10.42 2.47 -12.90
C PHE B 74 -10.25 1.02 -12.41
N ARG B 75 -9.36 0.30 -13.11
CA ARG B 75 -9.00 -1.09 -12.88
C ARG B 75 -8.15 -1.23 -11.59
N ILE B 76 -8.74 -1.79 -10.51
CA ILE B 76 -8.03 -2.02 -9.23
C ILE B 76 -7.11 -3.22 -9.45
N ASP B 77 -7.71 -4.41 -9.72
CA ASP B 77 -7.05 -5.69 -9.96
C ASP B 77 -7.91 -6.53 -10.93
N ASP B 78 -7.67 -7.84 -11.05
CA ASP B 78 -8.41 -8.71 -11.95
C ASP B 78 -9.83 -9.01 -11.45
N SER B 79 -10.12 -8.74 -10.17
CA SER B 79 -11.41 -9.03 -9.53
C SER B 79 -12.29 -7.81 -9.22
N GLU B 80 -11.70 -6.61 -9.07
CA GLU B 80 -12.42 -5.37 -8.75
C GLU B 80 -12.02 -4.18 -9.62
N VAL B 81 -12.98 -3.29 -9.83
CA VAL B 81 -12.87 -2.06 -10.64
C VAL B 81 -13.68 -0.98 -9.92
N VAL B 82 -13.22 0.28 -10.01
CA VAL B 82 -13.96 1.43 -9.48
C VAL B 82 -14.75 2.05 -10.64
N ASP B 83 -16.08 2.09 -10.50
CA ASP B 83 -16.97 2.67 -11.48
C ASP B 83 -17.29 4.11 -11.05
N ALA B 84 -16.69 5.07 -11.77
CA ALA B 84 -16.79 6.51 -11.54
C ALA B 84 -17.83 7.14 -12.46
N THR B 85 -18.59 6.33 -13.21
CA THR B 85 -19.57 6.87 -14.19
C THR B 85 -20.65 7.73 -13.55
N MET B 86 -21.30 7.20 -12.50
CA MET B 86 -22.39 7.94 -11.88
C MET B 86 -22.00 8.63 -10.59
N HIS B 87 -21.10 8.01 -9.81
CA HIS B 87 -20.69 8.55 -8.51
C HIS B 87 -19.21 8.92 -8.46
N GLY B 88 -18.73 9.51 -9.53
CA GLY B 88 -17.33 9.91 -9.64
C GLY B 88 -17.10 11.35 -9.29
N ASN B 89 -15.86 11.82 -9.49
CA ASN B 89 -15.47 13.20 -9.23
C ASN B 89 -14.53 13.63 -10.35
N ALA B 90 -13.80 14.74 -10.19
CA ALA B 90 -12.86 15.25 -11.20
C ALA B 90 -11.73 14.27 -11.59
N ALA B 91 -11.31 13.38 -10.65
CA ALA B 91 -10.22 12.42 -10.90
C ALA B 91 -10.51 11.47 -12.07
N ARG B 92 -11.79 11.28 -12.44
CA ARG B 92 -12.10 10.37 -13.56
C ARG B 92 -11.59 10.93 -14.92
N PHE B 93 -11.18 12.22 -14.97
CA PHE B 93 -10.65 12.82 -16.19
C PHE B 93 -9.13 12.73 -16.32
N ILE B 94 -8.43 12.14 -15.33
CA ILE B 94 -6.96 12.05 -15.39
C ILE B 94 -6.52 11.22 -16.58
N ASN B 95 -5.70 11.80 -17.46
CA ASN B 95 -5.15 11.09 -18.63
C ASN B 95 -3.90 10.32 -18.30
N HIS B 96 -3.51 9.42 -19.22
CA HIS B 96 -2.29 8.61 -19.13
C HIS B 96 -1.07 9.36 -19.63
N SER B 97 0.12 9.06 -19.06
CA SER B 97 1.42 9.56 -19.51
C SER B 97 2.54 8.62 -19.15
N CYS B 98 3.53 8.51 -20.05
CA CYS B 98 4.72 7.66 -19.92
C CYS B 98 5.83 8.33 -19.11
N GLU B 99 5.63 9.64 -18.83
CA GLU B 99 6.46 10.48 -17.96
C GLU B 99 5.41 11.10 -16.99
N PRO B 100 4.73 10.28 -16.15
CA PRO B 100 3.70 10.83 -15.28
C PRO B 100 4.25 11.66 -14.14
N ASN B 101 3.40 12.47 -13.54
CA ASN B 101 3.81 13.28 -12.41
C ASN B 101 3.02 12.80 -11.24
N CYS B 102 2.11 11.85 -11.49
CA CYS B 102 1.25 11.24 -10.48
C CYS B 102 1.30 9.71 -10.60
N TYR B 103 0.79 9.02 -9.59
CA TYR B 103 0.63 7.57 -9.62
C TYR B 103 -0.55 7.19 -8.74
N SER B 104 -1.18 6.04 -9.03
CA SER B 104 -2.35 5.58 -8.29
C SER B 104 -1.98 4.54 -7.27
N ARG B 105 -2.73 4.53 -6.15
CA ARG B 105 -2.56 3.55 -5.07
C ARG B 105 -3.90 3.15 -4.47
N VAL B 106 -4.07 1.85 -4.16
CA VAL B 106 -5.30 1.42 -3.49
C VAL B 106 -4.97 1.44 -1.99
N ILE B 107 -5.59 2.37 -1.25
CA ILE B 107 -5.41 2.45 0.21
C ILE B 107 -6.66 1.89 0.91
N ASN B 108 -6.50 1.43 2.15
CA ASN B 108 -7.59 0.89 2.93
C ASN B 108 -7.73 1.73 4.20
N ILE B 109 -8.78 2.56 4.24
CA ILE B 109 -9.04 3.46 5.37
C ILE B 109 -10.27 2.97 6.10
N ASP B 110 -10.05 2.49 7.35
CA ASP B 110 -11.07 1.98 8.27
C ASP B 110 -11.91 0.86 7.63
N GLY B 111 -11.21 -0.08 6.99
CA GLY B 111 -11.80 -1.24 6.33
C GLY B 111 -12.31 -0.99 4.92
N GLN B 112 -12.36 0.28 4.52
CA GLN B 112 -12.88 0.63 3.21
C GLN B 112 -11.78 1.04 2.25
N LYS B 113 -11.82 0.46 1.02
CA LYS B 113 -10.88 0.69 -0.07
C LYS B 113 -11.15 1.99 -0.76
N HIS B 114 -10.08 2.80 -0.98
CA HIS B 114 -10.15 4.07 -1.72
C HIS B 114 -8.96 4.16 -2.66
N ILE B 115 -9.20 4.54 -3.91
CA ILE B 115 -8.12 4.71 -4.90
C ILE B 115 -7.70 6.17 -4.77
N VAL B 116 -6.45 6.43 -4.41
CA VAL B 116 -6.02 7.84 -4.29
C VAL B 116 -4.89 8.14 -5.26
N ILE B 117 -4.80 9.40 -5.64
CA ILE B 117 -3.80 9.90 -6.57
C ILE B 117 -2.73 10.66 -5.79
N PHE B 118 -1.46 10.27 -6.01
CA PHE B 118 -0.33 10.93 -5.38
C PHE B 118 0.56 11.62 -6.36
N ALA B 119 1.12 12.75 -5.95
CA ALA B 119 2.09 13.47 -6.75
C ALA B 119 3.46 12.77 -6.54
N MET B 120 4.11 12.39 -7.65
CA MET B 120 5.41 11.72 -7.74
C MET B 120 6.57 12.75 -7.60
N ARG B 121 6.32 13.99 -8.05
CA ARG B 121 7.26 15.12 -7.99
C ARG B 121 6.46 16.39 -7.69
N LYS B 122 7.15 17.54 -7.48
CA LYS B 122 6.41 18.77 -7.30
C LYS B 122 5.76 19.06 -8.67
N ILE B 123 4.46 19.37 -8.66
CA ILE B 123 3.68 19.68 -9.87
C ILE B 123 3.36 21.14 -9.75
N TYR B 124 3.61 21.89 -10.83
CA TYR B 124 3.42 23.33 -10.85
C TYR B 124 2.12 23.77 -11.45
N ARG B 125 1.63 24.91 -10.95
CA ARG B 125 0.39 25.54 -11.36
C ARG B 125 0.27 25.56 -12.89
N GLY B 126 -0.77 24.93 -13.40
CA GLY B 126 -1.05 24.90 -14.84
C GLY B 126 -0.82 23.56 -15.51
N GLU B 127 -0.01 22.71 -14.91
CA GLU B 127 0.32 21.40 -15.47
C GLU B 127 -0.84 20.46 -15.43
N GLU B 128 -0.89 19.57 -16.42
CA GLU B 128 -1.87 18.49 -16.43
C GLU B 128 -1.36 17.38 -15.51
N LEU B 129 -2.28 16.78 -14.73
CA LEU B 129 -1.99 15.65 -13.84
C LEU B 129 -2.16 14.38 -14.66
N THR B 130 -1.19 13.47 -14.58
CA THR B 130 -1.23 12.21 -15.33
C THR B 130 -0.65 11.06 -14.51
N TYR B 131 -1.09 9.84 -14.75
CA TYR B 131 -0.49 8.65 -14.12
C TYR B 131 -0.31 7.63 -15.20
N ASP B 132 0.52 6.62 -14.96
CA ASP B 132 0.74 5.55 -15.92
C ASP B 132 -0.40 4.57 -15.74
N TYR B 133 -1.25 4.42 -16.78
CA TYR B 133 -2.36 3.46 -16.79
C TYR B 133 -1.71 2.07 -16.91
N LYS B 134 -2.17 1.10 -16.11
CA LYS B 134 -1.61 -0.26 -16.19
C LYS B 134 -2.52 -1.14 -17.07
N PHE B 135 -2.61 -0.77 -18.36
CA PHE B 135 -3.41 -1.47 -19.38
C PHE B 135 -2.79 -2.82 -19.74
N LYS B 143 -1.98 -1.40 -28.50
CA LYS B 143 -3.44 -1.43 -28.68
C LYS B 143 -3.98 -0.04 -29.02
N LEU B 144 -3.93 0.90 -28.06
CA LEU B 144 -4.41 2.27 -28.22
C LEU B 144 -3.21 3.22 -28.33
N PRO B 145 -3.12 4.08 -29.39
CA PRO B 145 -1.95 4.99 -29.49
C PRO B 145 -1.91 6.04 -28.39
N CYS B 146 -0.71 6.34 -27.86
CA CYS B 146 -0.52 7.30 -26.77
C CYS B 146 -0.07 8.67 -27.24
N ASN B 147 -0.70 9.71 -26.68
CA ASN B 147 -0.49 11.10 -27.02
C ASN B 147 0.08 11.93 -25.85
N CYS B 148 0.76 11.28 -24.87
CA CYS B 148 1.31 12.02 -23.74
C CYS B 148 2.35 13.06 -24.18
N GLY B 149 3.11 12.71 -25.23
CA GLY B 149 4.11 13.54 -25.89
C GLY B 149 5.49 13.55 -25.27
N ALA B 150 5.73 12.70 -24.27
CA ALA B 150 7.02 12.61 -23.57
C ALA B 150 8.13 12.09 -24.50
N LYS B 151 9.41 12.39 -24.19
CA LYS B 151 10.54 11.90 -24.99
C LYS B 151 10.59 10.34 -24.91
N LYS B 152 10.43 9.79 -23.70
CA LYS B 152 10.47 8.37 -23.39
C LYS B 152 9.08 7.73 -23.46
N CYS B 153 8.30 8.11 -24.48
CA CYS B 153 6.94 7.61 -24.69
C CYS B 153 6.95 6.15 -25.19
N ARG B 154 6.17 5.24 -24.57
CA ARG B 154 6.06 3.85 -25.04
C ARG B 154 5.12 3.74 -26.27
N LYS B 155 4.54 4.90 -26.68
CA LYS B 155 3.70 5.13 -27.87
C LYS B 155 2.35 4.37 -27.89
N PHE B 156 2.05 3.54 -26.85
CA PHE B 156 0.77 2.83 -26.70
C PHE B 156 0.29 2.78 -25.24
N LEU B 157 -1.03 2.92 -25.02
CA LEU B 157 -1.62 2.85 -23.69
C LEU B 157 -2.01 1.41 -23.32
ZN ZN C . -2.56 2.59 16.70
C1 Q2P D . 5.03 4.19 17.27
O1 Q2P D . 9.40 -0.87 19.64
O2 Q2P D . 12.94 1.55 11.86
C2 Q2P D . 6.18 2.33 16.63
N Q2P D . 2.66 2.04 15.65
C3 Q2P D . 5.02 1.75 16.06
O3 Q2P D . 13.83 -0.10 13.00
C4 Q2P D . 6.60 0.32 15.67
C5 Q2P D . 8.54 1.49 16.98
C6 Q2P D . 8.51 1.08 18.50
C7 Q2P D . 8.83 -0.40 18.45
C8 Q2P D . 9.81 -0.41 17.24
C9 Q2P D . 9.84 -1.78 16.52
C10 Q2P D . 12.07 -2.46 15.64
C11 Q2P D . 12.83 -1.72 16.77
C12 Q2P D . 14.32 -2.05 16.98
C13 Q2P D . 15.79 -0.04 16.23
C14 Q2P D . 15.62 1.47 16.30
C15 Q2P D . 15.33 2.20 15.13
C16 Q2P D . 15.10 3.60 15.26
C17 Q2P D . 15.17 4.29 16.46
C18 Q2P D . 15.48 3.55 17.63
C24 Q2P D . 12.82 0.52 12.69
C23 Q2P D . 11.39 0.25 13.18
N7 Q2P D . 10.38 1.08 12.49
C22 Q2P D . 11.09 -1.25 12.90
C21 Q2P D . 10.19 -1.87 14.01
N5 Q2P D . 10.83 -1.70 15.38
O Q2P D . 9.59 1.73 19.06
O4 Q2P D . 9.34 0.57 16.32
N4 Q2P D . 7.20 1.39 16.40
N2 Q2P D . 6.25 3.58 17.25
N1 Q2P D . 3.83 3.74 16.77
N3 Q2P D . 5.30 0.51 15.45
C Q2P D . 3.82 2.51 16.17
C20 Q2P D . 13.30 -0.27 16.41
N6 Q2P D . 14.63 -0.57 16.99
C19 Q2P D . 15.70 2.13 17.55
CL Q2P D . 14.77 4.50 13.83
H7 Q2P D . 5.00 5.18 17.73
H10 Q2P D . 10.21 -0.33 19.85
H30 Q2P D . 13.87 1.70 11.57
H6 Q2P D . 1.79 2.56 15.74
H5 Q2P D . 2.64 1.15 15.16
H8 Q2P D . 7.16 -0.55 15.34
H Q2P D . 8.92 2.49 16.82
H1 Q2P D . 7.58 1.29 19.00
H2 Q2P D . 7.95 -1.04 18.30
H3 Q2P D . 10.80 -0.08 17.55
H11 Q2P D . 8.82 -2.02 16.22
H12 Q2P D . 10.10 -2.57 17.23
H14 Q2P D . 12.71 -2.50 14.76
H13 Q2P D . 11.92 -3.50 15.90
H15 Q2P D . 12.28 -1.79 17.72
H17 Q2P D . 14.85 -2.58 16.18
H16 Q2P D . 14.52 -2.59 17.91
H19 Q2P D . 15.88 -0.38 15.20
H18 Q2P D . 16.70 -0.35 16.75
H20 Q2P D . 15.28 1.74 14.15
H21 Q2P D . 14.98 5.35 16.51
H22 Q2P D . 15.55 4.05 18.60
H4 Q2P D . 11.34 0.48 14.24
H32 Q2P D . 10.65 1.38 11.56
H31 Q2P D . 10.05 1.86 13.04
H29 Q2P D . 10.57 -1.29 11.95
H28 Q2P D . 11.99 -1.84 12.74
H26 Q2P D . 10.07 -2.93 13.80
H27 Q2P D . 9.18 -1.47 13.95
H9 Q2P D . 9.29 2.65 19.31
H24 Q2P D . 12.74 0.55 16.84
H25 Q2P D . 13.36 -0.06 15.34
H23 Q2P D . 15.94 1.56 18.45
ZN ZN E . 3.19 8.25 -23.85
C1 Q2P F . -4.26 8.81 -25.85
O1 Q2P F . -9.21 5.05 -22.45
O2 Q2P F . -12.20 13.43 -21.76
C2 Q2P F . -5.54 8.83 -23.97
N Q2P F . -2.01 9.40 -23.12
C3 Q2P F . -4.41 9.11 -23.16
O3 Q2P F . -13.23 11.90 -20.68
C4 Q2P F . -6.08 9.04 -21.78
C5 Q2P F . -7.99 8.33 -23.44
C6 Q2P F . -8.09 6.77 -23.69
C7 Q2P F . -8.53 6.24 -22.34
C8 Q2P F . -9.44 7.42 -21.88
C9 Q2P F . -9.56 7.52 -20.33
C10 Q2P F . -11.79 8.27 -19.50
C11 Q2P F . -12.56 7.65 -20.69
C12 Q2P F . -14.08 7.43 -20.55
C13 Q2P F . -15.37 8.97 -22.20
C14 Q2P F . -15.14 9.46 -23.61
C15 Q2P F . -14.68 10.76 -23.85
C16 Q2P F . -14.44 11.16 -25.18
C17 Q2P F . -14.67 10.32 -26.28
C18 Q2P F . -15.15 9.02 -26.03
C24 Q2P F . -12.18 12.30 -21.08
C23 Q2P F . -10.81 11.60 -20.98
N7 Q2P F . -9.67 12.43 -21.44
C22 Q2P F . -10.61 11.20 -19.49
C21 Q2P F . -9.77 9.88 -19.35
N5 Q2P F . -10.47 8.70 -20.04
O Q2P F . -9.12 6.58 -24.57
O4 Q2P F . -8.80 8.60 -22.34
N4 Q2P F . -6.62 8.75 -23.07
N2 Q2P F . -5.52 8.66 -25.34
N1 Q2P F . -3.08 9.07 -25.19
N3 Q2P F . -4.75 9.25 -21.80
C Q2P F . -3.16 9.20 -23.83
C20 Q2P F . -12.89 8.64 -21.85
N6 Q2P F . -14.25 8.03 -21.95
C19 Q2P F . -15.37 8.57 -24.70
CL Q2P F . -13.78 12.74 -25.47
H7 Q2P F . -4.17 8.72 -26.93
H10 Q2P F . -8.57 4.34 -22.73
H30 Q2P F . -11.34 13.65 -22.18
H6 Q2P F . -1.11 9.45 -23.59
H5 Q2P F . -2.05 9.49 -22.11
H8 Q2P F . -6.69 9.07 -20.88
H Q2P F . -8.33 8.92 -24.29
H1 Q2P F . -7.14 6.34 -24.02
H2 Q2P F . -7.70 6.03 -21.65
H3 Q2P F . -10.40 7.39 -22.38
H11 Q2P F . -8.56 7.61 -19.91
H12 Q2P F . -9.95 6.60 -19.93
H14 Q2P F . -12.35 9.10 -19.08
H13 Q2P F . -11.72 7.56 -18.67
H15 Q2P F . -12.08 6.73 -21.02
H17 Q2P F . -14.62 8.00 -19.79
H16 Q2P F . -14.37 6.39 -20.44
H19 Q2P F . -15.45 9.80 -21.49
H18 Q2P F . -16.29 8.40 -22.13
H20 Q2P F . -14.50 11.47 -23.03
H21 Q2P F . -14.50 10.68 -27.30
H22 Q2P F . -15.34 8.34 -26.87
H4 Q2P F . -10.82 10.71 -21.62
H32 Q2P F . -9.45 12.32 -22.42
H31 Q2P F . -8.83 12.30 -20.88
H29 Q2P F . -10.08 12.01 -19.00
H28 Q2P F . -11.55 11.13 -18.94
H26 Q2P F . -9.64 9.66 -18.30
H27 Q2P F . -8.76 10.03 -19.72
H9 Q2P F . -8.85 5.85 -25.19
H24 Q2P F . -12.25 8.60 -22.72
H25 Q2P F . -12.96 9.69 -21.57
H23 Q2P F . -15.71 7.55 -24.50
#